data_5ALS
#
_entry.id   5ALS
#
_cell.length_a   93.724
_cell.length_b   93.724
_cell.length_c   244.922
_cell.angle_alpha   90.00
_cell.angle_beta   90.00
_cell.angle_gamma   120.00
#
_symmetry.space_group_name_H-M   'P 65 2 2'
#
loop_
_entity.id
_entity.type
_entity.pdbx_description
1 polymer 'BIFUNCTIONAL EPOXIDE HYDROLASE 2'
2 non-polymer 'SULFATE ION'
3 non-polymer N-CYCLOPENTYL-2-[4-(TRIFLUOROMETHYL)PHENYL]-3H-IMIDAZO[4,5-B]PYRIDINE-7-SULFONAMIDE
4 water water
#
_entity_poly.entity_id   1
_entity_poly.type   'polypeptide(L)'
_entity_poly.pdbx_seq_one_letter_code
;GMTLRAAVFDLDGVLALPAVFGVLGRTEEALALPRGLLNDAFQKGGPEGATTRLMKGEITLSQWIPLMEENCRKCSETAK
VCLPKNFSIKEIFDKAISARKINRPMLQAALMLRKKGFTTAILTNTWLDDRAERDGLAQLMCELKMHFDFLIESCQVGMV
KPEPQIYKFLLDTLKASPSEVVFLDDIGANLKPARDLGMVTILVQDTDTALKELEKVTGIQLLNTPAPLPTSCNPSDMSH
GYVTVKPRVRLHFVELGSGPAVCLCHGFPESWYSWRYQIPALAQAGYRVLAMDMKGYGESSAPPEIEEYCMEVLCKEMVT
FLDKLGLSQAVFIGHDWGGMLVWYMALFYPERVRAVASLNTPFIPANPNMSPLESIKANPVFDYQLYFQEPGVAEAELEQ
NLSRTFKSLFRASDESVLSMHKVCEAGGLFVNSPEEPSLSRMVTEEEIQFYVQQFKKSGFRGPLNWYRNMERNWKWACKS
LGRKILIPALMVTAEKDFVLVPQMSQHMEDWIPHLKRGHIEDCGHWTQMDKPTEVNQILIKWLDSDARN
;
_entity_poly.pdbx_strand_id   A
#
loop_
_chem_comp.id
_chem_comp.type
_chem_comp.name
_chem_comp.formula
5DQ non-polymer N-CYCLOPENTYL-2-[4-(TRIFLUOROMETHYL)PHENYL]-3H-IMIDAZO[4,5-B]PYRIDINE-7-SULFONAMIDE 'C18 H17 F3 N4 O2 S'
SO4 non-polymer 'SULFATE ION' 'O4 S -2'
#
# COMPACT_ATOMS: atom_id res chain seq x y z
N THR A 3 -31.32 13.52 -1.06
CA THR A 3 -30.47 12.45 -0.56
C THR A 3 -29.23 12.32 -1.41
N LEU A 4 -28.08 12.66 -0.83
CA LEU A 4 -26.78 12.60 -1.49
C LEU A 4 -26.26 11.20 -1.60
N ARG A 5 -25.55 10.97 -2.69
CA ARG A 5 -24.90 9.71 -2.97
C ARG A 5 -23.58 9.93 -3.70
N ALA A 6 -23.25 11.22 -3.96
CA ALA A 6 -22.01 11.59 -4.62
C ALA A 6 -21.32 12.81 -4.01
N ALA A 7 -19.98 12.76 -3.93
CA ALA A 7 -19.13 13.83 -3.40
C ALA A 7 -18.04 14.19 -4.41
N VAL A 8 -17.92 15.49 -4.71
CA VAL A 8 -16.97 16.00 -5.71
C VAL A 8 -16.00 16.99 -5.08
N PHE A 9 -14.72 16.76 -5.32
CA PHE A 9 -13.65 17.56 -4.78
C PHE A 9 -12.79 18.18 -5.86
N ASP A 10 -12.41 19.42 -5.63
CA ASP A 10 -11.44 20.13 -6.46
C ASP A 10 -10.09 19.59 -5.96
N LEU A 11 -9.03 19.71 -6.75
CA LEU A 11 -7.74 19.21 -6.26
C LEU A 11 -7.04 20.32 -5.49
N ASP A 12 -6.77 21.43 -6.17
CA ASP A 12 -6.07 22.59 -5.63
C ASP A 12 -6.85 23.35 -4.56
N GLY A 13 -6.25 23.46 -3.37
CA GLY A 13 -6.89 24.12 -2.23
C GLY A 13 -7.97 23.29 -1.55
N VAL A 14 -8.25 22.07 -2.07
CA VAL A 14 -9.27 21.17 -1.53
C VAL A 14 -8.61 19.83 -1.22
N LEU A 15 -8.20 19.05 -2.25
CA LEU A 15 -7.53 17.77 -2.04
C LEU A 15 -6.02 17.90 -1.86
N ALA A 16 -5.44 18.97 -2.41
CA ALA A 16 -4.02 19.27 -2.32
C ALA A 16 -3.73 20.66 -1.77
N LEU A 17 -2.73 20.74 -0.87
CA LEU A 17 -2.32 21.97 -0.19
C LEU A 17 -0.81 22.10 0.03
N PRO A 18 -0.27 23.36 0.05
CA PRO A 18 -0.96 24.64 -0.22
C PRO A 18 -1.47 24.75 -1.66
N ALA A 19 -2.51 25.56 -1.91
CA ALA A 19 -3.02 25.78 -3.26
C ALA A 19 -1.89 26.44 -4.03
N VAL A 20 -1.59 25.91 -5.23
CA VAL A 20 -0.56 26.46 -6.13
C VAL A 20 -0.96 27.90 -6.47
N PHE A 21 -2.27 28.15 -6.58
CA PHE A 21 -2.88 29.45 -6.84
C PHE A 21 -2.40 30.49 -5.83
N GLY A 22 -2.38 30.10 -4.55
CA GLY A 22 -1.95 30.91 -3.41
C GLY A 22 -0.57 31.51 -3.52
N VAL A 23 0.33 30.86 -4.31
CA VAL A 23 1.71 31.28 -4.54
C VAL A 23 1.89 32.58 -5.28
N LEU A 24 0.88 33.02 -6.07
CA LEU A 24 1.01 34.28 -6.82
C LEU A 24 1.02 35.47 -5.87
N GLY A 25 0.16 35.37 -4.85
CA GLY A 25 0.04 36.30 -3.73
C GLY A 25 1.30 36.30 -2.89
N ARG A 26 1.80 35.08 -2.50
CA ARG A 26 3.05 34.87 -1.75
C ARG A 26 4.21 35.48 -2.47
N THR A 27 4.30 35.23 -3.80
CA THR A 27 5.37 35.76 -4.63
C THR A 27 5.32 37.28 -4.80
N GLU A 28 4.17 37.89 -5.15
CA GLU A 28 4.18 39.36 -5.29
C GLU A 28 4.56 40.14 -4.03
N GLU A 29 4.09 39.70 -2.85
CA GLU A 29 4.43 40.35 -1.59
C GLU A 29 5.83 40.01 -1.07
N ALA A 30 6.42 38.91 -1.58
CA ALA A 30 7.78 38.54 -1.19
C ALA A 30 8.74 39.42 -1.96
N LEU A 31 8.30 39.88 -3.13
CA LEU A 31 9.10 40.67 -4.05
C LEU A 31 8.86 42.16 -3.97
N ALA A 32 7.94 42.59 -3.07
CA ALA A 32 7.54 43.99 -2.87
C ALA A 32 6.84 44.46 -4.15
N LEU A 33 6.13 43.53 -4.81
CA LEU A 33 5.45 43.83 -6.05
C LEU A 33 4.04 44.31 -5.81
N PRO A 34 3.56 45.24 -6.66
CA PRO A 34 2.18 45.73 -6.52
C PRO A 34 1.23 44.54 -6.38
N ARG A 35 0.25 44.68 -5.49
CA ARG A 35 -0.73 43.65 -5.20
C ARG A 35 -1.56 43.26 -6.41
N GLY A 36 -1.72 41.95 -6.58
CA GLY A 36 -2.46 41.34 -7.67
C GLY A 36 -1.85 41.50 -9.05
N LEU A 37 -0.62 42.06 -9.18
CA LEU A 37 0.01 42.20 -10.49
C LEU A 37 0.19 40.81 -11.13
N LEU A 38 0.74 39.87 -10.35
CA LEU A 38 1.02 38.51 -10.78
C LEU A 38 -0.25 37.74 -11.06
N ASN A 39 -1.25 37.87 -10.16
CA ASN A 39 -2.55 37.26 -10.28
C ASN A 39 -3.28 37.79 -11.51
N ASP A 40 -3.14 39.09 -11.81
CA ASP A 40 -3.79 39.63 -12.97
C ASP A 40 -3.08 39.23 -14.29
N ALA A 41 -1.73 39.00 -14.26
CA ALA A 41 -0.93 38.54 -15.42
C ALA A 41 -1.35 37.13 -15.83
N PHE A 42 -1.65 36.28 -14.82
CA PHE A 42 -2.14 34.90 -14.93
C PHE A 42 -3.44 34.80 -15.70
N GLN A 43 -4.37 35.72 -15.40
CA GLN A 43 -5.72 35.78 -15.93
C GLN A 43 -5.89 36.61 -17.20
N LYS A 44 -4.79 37.22 -17.71
CA LYS A 44 -4.83 38.06 -18.89
C LYS A 44 -5.52 37.48 -20.14
N GLY A 45 -6.63 38.12 -20.52
CA GLY A 45 -7.45 37.75 -21.67
C GLY A 45 -8.62 36.85 -21.32
N GLY A 46 -8.67 36.45 -20.04
CA GLY A 46 -9.67 35.56 -19.47
C GLY A 46 -9.91 34.31 -20.31
N PRO A 47 -11.15 34.11 -20.84
CA PRO A 47 -11.44 32.90 -21.67
C PRO A 47 -10.61 32.68 -22.93
N GLU A 48 -10.14 33.76 -23.55
CA GLU A 48 -9.33 33.77 -24.77
C GLU A 48 -7.84 33.80 -24.38
N GLY A 49 -7.59 33.85 -23.06
CA GLY A 49 -6.27 33.92 -22.46
C GLY A 49 -5.44 32.65 -22.53
N ALA A 50 -4.11 32.82 -22.38
CA ALA A 50 -3.07 31.78 -22.38
C ALA A 50 -3.37 30.71 -21.32
N THR A 51 -3.76 31.13 -20.09
CA THR A 51 -4.11 30.25 -18.96
C THR A 51 -5.31 29.37 -19.28
N THR A 52 -6.34 29.90 -19.97
CA THR A 52 -7.52 29.11 -20.34
C THR A 52 -7.17 28.08 -21.41
N ARG A 53 -6.32 28.47 -22.38
CA ARG A 53 -5.86 27.59 -23.45
C ARG A 53 -5.14 26.39 -22.83
N LEU A 54 -4.39 26.66 -21.74
CA LEU A 54 -3.67 25.68 -20.95
C LEU A 54 -4.60 24.70 -20.24
N MET A 55 -5.63 25.23 -19.55
CA MET A 55 -6.61 24.44 -18.80
C MET A 55 -7.53 23.61 -19.71
N LYS A 56 -7.67 24.03 -20.97
CA LYS A 56 -8.48 23.38 -22.00
C LYS A 56 -7.73 22.29 -22.76
N GLY A 57 -6.42 22.19 -22.54
CA GLY A 57 -5.55 21.22 -23.19
C GLY A 57 -5.11 21.64 -24.58
N GLU A 58 -5.30 22.94 -24.94
CA GLU A 58 -4.91 23.48 -26.25
C GLU A 58 -3.41 23.52 -26.37
N ILE A 59 -2.74 23.90 -25.27
CA ILE A 59 -1.29 23.99 -25.19
C ILE A 59 -0.77 23.32 -23.91
N THR A 60 0.49 22.89 -23.92
CA THR A 60 1.10 22.25 -22.77
C THR A 60 1.61 23.32 -21.79
N LEU A 61 2.03 22.87 -20.60
CA LEU A 61 2.59 23.68 -19.52
C LEU A 61 3.88 24.42 -19.92
N SER A 62 4.86 23.71 -20.55
CA SER A 62 6.13 24.31 -21.01
C SER A 62 5.89 25.38 -22.05
N GLN A 63 4.82 25.22 -22.88
CA GLN A 63 4.41 26.17 -23.93
C GLN A 63 3.83 27.43 -23.29
N TRP A 64 3.08 27.26 -22.19
CA TRP A 64 2.40 28.30 -21.44
C TRP A 64 3.35 29.21 -20.66
N ILE A 65 4.43 28.64 -20.05
CA ILE A 65 5.46 29.39 -19.30
C ILE A 65 5.85 30.69 -20.03
N PRO A 66 6.31 30.64 -21.32
CA PRO A 66 6.73 31.85 -22.02
C PRO A 66 5.64 32.89 -22.15
N LEU A 67 4.39 32.43 -22.35
CA LEU A 67 3.20 33.29 -22.48
C LEU A 67 2.90 34.02 -21.19
N MET A 68 3.06 33.32 -20.03
CA MET A 68 2.85 33.88 -18.70
C MET A 68 3.88 34.96 -18.39
N GLU A 69 5.16 34.72 -18.75
CA GLU A 69 6.28 35.67 -18.55
C GLU A 69 5.99 36.94 -19.28
N GLU A 70 5.56 36.80 -20.54
CA GLU A 70 5.19 37.88 -21.41
C GLU A 70 4.13 38.75 -20.78
N ASN A 71 3.03 38.13 -20.31
CA ASN A 71 1.92 38.79 -19.63
C ASN A 71 2.39 39.52 -18.39
N CYS A 72 3.36 38.92 -17.62
CA CYS A 72 3.97 39.55 -16.44
C CYS A 72 4.60 40.89 -16.79
N ARG A 73 5.20 41.03 -17.98
CA ARG A 73 5.76 42.27 -18.49
C ARG A 73 4.70 43.25 -18.94
N LYS A 74 3.75 42.79 -19.76
CA LYS A 74 2.66 43.64 -20.20
C LYS A 74 1.86 44.20 -19.03
N CYS A 75 1.60 43.37 -18.01
CA CYS A 75 0.86 43.80 -16.84
C CYS A 75 1.66 44.70 -15.92
N SER A 76 3.02 44.64 -16.01
CA SER A 76 3.93 45.49 -15.25
C SER A 76 3.86 46.91 -15.76
N GLU A 77 3.83 47.12 -17.11
CA GLU A 77 3.73 48.44 -17.76
C GLU A 77 2.67 49.34 -17.14
N THR A 78 1.48 48.77 -16.81
CA THR A 78 0.35 49.45 -16.14
C THR A 78 0.77 50.22 -14.87
N ALA A 79 1.49 49.53 -13.96
CA ALA A 79 1.95 50.10 -12.70
C ALA A 79 3.37 50.60 -12.80
N LYS A 80 3.99 50.47 -14.00
CA LYS A 80 5.29 51.03 -14.40
C LYS A 80 6.54 50.43 -13.72
N VAL A 81 6.33 49.44 -12.84
CA VAL A 81 7.35 48.74 -12.05
C VAL A 81 8.28 47.86 -12.90
N CYS A 82 9.41 47.45 -12.31
CA CYS A 82 10.32 46.52 -12.96
C CYS A 82 10.53 45.28 -12.13
N LEU A 83 10.78 44.19 -12.83
CA LEU A 83 10.92 42.87 -12.24
C LEU A 83 12.34 42.47 -11.86
N PRO A 84 12.50 41.39 -11.05
CA PRO A 84 13.85 40.93 -10.71
C PRO A 84 14.46 40.28 -11.94
N LYS A 85 15.79 40.37 -12.07
CA LYS A 85 16.65 39.83 -13.12
C LYS A 85 16.49 38.30 -13.26
N ASN A 86 16.40 37.62 -12.11
CA ASN A 86 16.30 36.18 -11.89
C ASN A 86 14.85 35.66 -11.90
N PHE A 87 13.88 36.56 -12.13
CA PHE A 87 12.45 36.22 -12.19
C PHE A 87 12.22 35.06 -13.15
N SER A 88 11.65 33.97 -12.62
CA SER A 88 11.37 32.80 -13.43
C SER A 88 10.04 32.20 -13.03
N ILE A 89 9.13 32.10 -14.03
CA ILE A 89 7.79 31.53 -13.86
C ILE A 89 7.92 30.05 -13.56
N LYS A 90 8.85 29.40 -14.29
CA LYS A 90 9.19 28.00 -14.17
C LYS A 90 9.67 27.73 -12.76
N GLU A 91 10.65 28.54 -12.26
CA GLU A 91 11.22 28.46 -10.92
C GLU A 91 10.12 28.49 -9.87
N ILE A 92 9.13 29.39 -10.09
CA ILE A 92 7.98 29.63 -9.23
C ILE A 92 7.03 28.46 -9.12
N PHE A 93 6.56 27.95 -10.27
CA PHE A 93 5.62 26.85 -10.28
C PHE A 93 6.26 25.54 -9.93
N ASP A 94 7.55 25.35 -10.29
CA ASP A 94 8.33 24.17 -9.92
C ASP A 94 8.34 24.03 -8.43
N LYS A 95 8.62 25.14 -7.73
CA LYS A 95 8.67 25.28 -6.28
C LYS A 95 7.29 25.07 -5.68
N ALA A 96 6.26 25.77 -6.23
CA ALA A 96 4.86 25.71 -5.78
C ALA A 96 4.26 24.31 -5.90
N ILE A 97 4.47 23.64 -7.07
CA ILE A 97 3.98 22.27 -7.39
C ILE A 97 4.61 21.26 -6.44
N SER A 98 5.93 21.39 -6.22
CA SER A 98 6.75 20.55 -5.34
C SER A 98 6.27 20.63 -3.90
N ALA A 99 6.03 21.87 -3.40
CA ALA A 99 5.57 22.18 -2.05
C ALA A 99 4.18 21.65 -1.76
N ARG A 100 3.32 21.60 -2.79
CA ARG A 100 1.96 21.12 -2.70
C ARG A 100 1.88 19.64 -2.38
N LYS A 101 1.07 19.32 -1.37
CA LYS A 101 0.90 17.97 -0.86
C LYS A 101 -0.54 17.59 -0.81
N ILE A 102 -0.82 16.30 -0.59
CA ILE A 102 -2.19 15.82 -0.40
C ILE A 102 -2.63 16.36 0.96
N ASN A 103 -3.87 16.86 1.00
CA ASN A 103 -4.46 17.28 2.25
C ASN A 103 -5.12 16.02 2.82
N ARG A 104 -4.36 15.29 3.67
CA ARG A 104 -4.77 14.05 4.32
C ARG A 104 -6.15 14.06 5.00
N PRO A 105 -6.50 15.03 5.91
CA PRO A 105 -7.86 15.03 6.52
C PRO A 105 -8.99 15.00 5.49
N MET A 106 -8.79 15.72 4.36
CA MET A 106 -9.72 15.77 3.24
C MET A 106 -9.83 14.44 2.52
N LEU A 107 -8.69 13.76 2.26
CA LEU A 107 -8.67 12.46 1.59
C LEU A 107 -9.36 11.42 2.47
N GLN A 108 -9.08 11.42 3.78
CA GLN A 108 -9.70 10.53 4.76
C GLN A 108 -11.22 10.67 4.74
N ALA A 109 -11.71 11.94 4.64
CA ALA A 109 -13.12 12.31 4.56
C ALA A 109 -13.73 11.73 3.26
N ALA A 110 -13.05 11.92 2.09
CA ALA A 110 -13.47 11.36 0.80
C ALA A 110 -13.48 9.83 0.88
N LEU A 111 -12.47 9.24 1.56
CA LEU A 111 -12.34 7.79 1.78
C LEU A 111 -13.46 7.20 2.60
N MET A 112 -13.90 7.91 3.66
CA MET A 112 -15.00 7.46 4.51
C MET A 112 -16.32 7.43 3.75
N LEU A 113 -16.59 8.48 2.94
CA LEU A 113 -17.80 8.60 2.14
C LEU A 113 -17.94 7.45 1.15
N ARG A 114 -16.83 7.04 0.55
CA ARG A 114 -16.78 5.94 -0.40
C ARG A 114 -17.00 4.59 0.27
N LYS A 115 -16.51 4.45 1.53
CA LYS A 115 -16.69 3.27 2.38
C LYS A 115 -18.16 3.12 2.73
N LYS A 116 -18.90 4.25 2.76
CA LYS A 116 -20.32 4.35 3.08
C LYS A 116 -21.26 4.27 1.84
N GLY A 117 -20.73 3.86 0.69
CA GLY A 117 -21.53 3.74 -0.52
C GLY A 117 -21.62 4.98 -1.36
N PHE A 118 -20.86 6.04 -1.02
CA PHE A 118 -20.86 7.25 -1.84
C PHE A 118 -20.04 6.98 -3.08
N THR A 119 -20.30 7.79 -4.12
CA THR A 119 -19.55 7.79 -5.36
C THR A 119 -18.78 9.10 -5.30
N THR A 120 -17.47 9.00 -5.42
CA THR A 120 -16.60 10.18 -5.31
C THR A 120 -15.86 10.48 -6.58
N ALA A 121 -15.57 11.77 -6.78
CA ALA A 121 -14.85 12.20 -7.97
C ALA A 121 -13.98 13.40 -7.69
N ILE A 122 -13.01 13.61 -8.57
CA ILE A 122 -12.14 14.78 -8.53
C ILE A 122 -12.41 15.52 -9.82
N LEU A 123 -12.73 16.80 -9.66
CA LEU A 123 -12.99 17.67 -10.78
C LEU A 123 -12.07 18.86 -10.60
N THR A 124 -11.05 18.88 -11.45
CA THR A 124 -10.03 19.91 -11.39
C THR A 124 -9.75 20.53 -12.74
N ASN A 125 -9.38 21.81 -12.69
CA ASN A 125 -8.91 22.56 -13.84
C ASN A 125 -7.43 22.33 -13.78
N THR A 126 -6.91 21.62 -14.78
CA THR A 126 -5.50 21.29 -14.79
C THR A 126 -4.82 21.43 -16.14
N TRP A 127 -3.54 21.15 -16.16
CA TRP A 127 -2.69 21.28 -17.32
C TRP A 127 -1.97 19.97 -17.68
N LEU A 128 -1.42 19.94 -18.90
CA LEU A 128 -0.60 18.86 -19.42
C LEU A 128 0.80 19.27 -19.08
N ASP A 129 1.33 18.58 -18.09
CA ASP A 129 2.65 18.84 -17.54
C ASP A 129 3.73 18.15 -18.34
N ASP A 130 4.65 18.95 -18.93
CA ASP A 130 5.77 18.42 -19.71
C ASP A 130 7.09 18.92 -19.17
N ARG A 131 7.08 19.43 -17.92
CA ARG A 131 8.28 19.90 -17.23
C ARG A 131 9.15 18.69 -16.98
N ALA A 132 10.47 18.89 -16.89
CA ALA A 132 11.41 17.82 -16.57
C ALA A 132 11.10 17.26 -15.16
N GLU A 133 10.38 18.05 -14.34
CA GLU A 133 9.99 17.78 -12.95
C GLU A 133 8.54 17.27 -12.81
N ARG A 134 7.86 16.93 -13.94
CA ARG A 134 6.46 16.45 -13.98
C ARG A 134 6.16 15.16 -13.19
N ASP A 135 7.19 14.33 -12.96
CA ASP A 135 7.04 13.06 -12.24
C ASP A 135 6.40 13.20 -10.86
N GLY A 136 6.82 14.22 -10.11
CA GLY A 136 6.32 14.54 -8.77
C GLY A 136 4.81 14.70 -8.73
N LEU A 137 4.29 15.49 -9.69
CA LEU A 137 2.86 15.68 -9.83
C LEU A 137 2.18 14.39 -10.28
N ALA A 138 2.79 13.66 -11.24
CA ALA A 138 2.28 12.37 -11.74
C ALA A 138 2.14 11.37 -10.56
N GLN A 139 3.13 11.34 -9.64
CA GLN A 139 3.13 10.51 -8.42
C GLN A 139 1.97 10.88 -7.51
N LEU A 140 1.80 12.21 -7.25
CA LEU A 140 0.73 12.77 -6.42
C LEU A 140 -0.63 12.41 -7.02
N MET A 141 -0.79 12.60 -8.35
CA MET A 141 -2.02 12.28 -9.07
C MET A 141 -2.37 10.81 -8.99
N CYS A 142 -1.38 9.89 -9.14
CA CYS A 142 -1.55 8.44 -9.03
C CYS A 142 -1.98 8.06 -7.66
N GLU A 143 -1.31 8.61 -6.65
CA GLU A 143 -1.66 8.31 -5.27
C GLU A 143 -3.06 8.78 -4.88
N LEU A 144 -3.45 9.98 -5.35
CA LEU A 144 -4.73 10.58 -5.02
C LEU A 144 -5.86 9.78 -5.43
N LYS A 145 -5.81 9.47 -6.75
CA LYS A 145 -6.94 8.72 -7.35
C LYS A 145 -6.93 7.39 -6.77
N MET A 146 -6.76 6.26 -7.45
N MET A 146 -6.95 6.31 -7.50
CA MET A 146 -6.78 4.82 -6.95
CA MET A 146 -7.03 4.87 -7.07
C MET A 146 -7.92 4.89 -5.90
C MET A 146 -7.99 4.91 -5.92
N HIS A 147 -8.09 6.08 -5.19
CA HIS A 147 -9.12 6.39 -4.13
C HIS A 147 -10.52 6.96 -4.49
N PHE A 148 -10.64 7.35 -5.74
CA PHE A 148 -11.82 7.93 -6.33
C PHE A 148 -12.39 7.13 -7.50
N ASP A 149 -13.69 7.30 -7.71
CA ASP A 149 -14.41 6.65 -8.80
C ASP A 149 -14.07 7.32 -10.13
N PHE A 150 -13.91 8.65 -10.10
CA PHE A 150 -13.60 9.40 -11.30
C PHE A 150 -12.67 10.53 -11.01
N LEU A 151 -11.89 10.85 -12.02
CA LEU A 151 -11.00 11.98 -12.02
C LEU A 151 -11.25 12.66 -13.33
N ILE A 152 -11.70 13.91 -13.26
CA ILE A 152 -11.98 14.68 -14.44
C ILE A 152 -11.03 15.85 -14.46
N GLU A 153 -10.19 15.88 -15.49
CA GLU A 153 -9.23 16.94 -15.71
C GLU A 153 -9.71 17.74 -16.92
N SER A 154 -9.73 19.06 -16.77
CA SER A 154 -10.16 19.99 -17.79
C SER A 154 -9.36 19.86 -19.10
N CYS A 155 -8.00 19.73 -19.02
CA CYS A 155 -7.10 19.56 -20.16
C CYS A 155 -7.40 18.29 -20.98
N GLN A 156 -7.98 17.27 -20.33
CA GLN A 156 -8.34 16.03 -21.00
C GLN A 156 -9.70 16.12 -21.64
N VAL A 157 -10.66 16.78 -20.97
CA VAL A 157 -12.02 16.91 -21.49
C VAL A 157 -12.31 18.12 -22.41
N GLY A 158 -11.37 19.06 -22.50
CA GLY A 158 -11.45 20.26 -23.33
C GLY A 158 -12.38 21.35 -22.80
N MET A 159 -12.76 21.26 -21.52
CA MET A 159 -13.66 22.23 -20.88
C MET A 159 -13.05 22.68 -19.59
N VAL A 160 -13.42 23.86 -19.14
CA VAL A 160 -12.88 24.43 -17.91
C VAL A 160 -13.96 24.89 -16.98
N LYS A 161 -13.57 25.16 -15.74
CA LYS A 161 -14.46 25.79 -14.78
C LYS A 161 -14.16 27.27 -14.94
N PRO A 162 -15.19 28.16 -14.96
CA PRO A 162 -16.62 27.94 -14.61
C PRO A 162 -17.67 27.60 -15.69
N GLU A 163 -17.28 27.22 -16.94
CA GLU A 163 -18.29 26.92 -17.99
C GLU A 163 -19.28 25.81 -17.67
N PRO A 164 -20.59 26.02 -17.94
CA PRO A 164 -21.63 25.05 -17.54
C PRO A 164 -21.55 23.63 -18.09
N GLN A 165 -20.95 23.47 -19.28
CA GLN A 165 -20.77 22.19 -19.97
C GLN A 165 -20.03 21.18 -19.11
N ILE A 166 -18.94 21.62 -18.42
CA ILE A 166 -18.17 20.77 -17.49
C ILE A 166 -19.04 20.21 -16.35
N TYR A 167 -19.94 21.05 -15.81
CA TYR A 167 -20.85 20.69 -14.72
C TYR A 167 -21.85 19.66 -15.21
N LYS A 168 -22.32 19.83 -16.46
CA LYS A 168 -23.23 18.88 -17.11
C LYS A 168 -22.49 17.60 -17.42
N PHE A 169 -21.19 17.71 -17.77
CA PHE A 169 -20.32 16.59 -18.06
C PHE A 169 -20.11 15.74 -16.82
N LEU A 170 -19.79 16.40 -15.69
CA LEU A 170 -19.60 15.79 -14.38
C LEU A 170 -20.84 14.99 -13.98
N LEU A 171 -22.02 15.58 -14.21
CA LEU A 171 -23.30 14.98 -13.90
C LEU A 171 -23.59 13.74 -14.70
N ASP A 172 -23.21 13.76 -15.99
CA ASP A 172 -23.42 12.61 -16.86
C ASP A 172 -22.54 11.44 -16.48
N THR A 173 -21.27 11.72 -16.09
CA THR A 173 -20.31 10.72 -15.62
C THR A 173 -20.83 10.12 -14.31
N LEU A 174 -21.32 10.97 -13.41
CA LEU A 174 -21.85 10.58 -12.11
C LEU A 174 -23.16 9.84 -12.18
N LYS A 175 -23.99 10.15 -13.22
CA LYS A 175 -25.32 9.58 -13.47
C LYS A 175 -26.18 9.95 -12.28
N ALA A 176 -26.07 11.22 -11.88
CA ALA A 176 -26.75 11.68 -10.71
C ALA A 176 -27.45 12.95 -10.99
N SER A 177 -28.57 13.16 -10.31
CA SER A 177 -29.32 14.39 -10.39
C SER A 177 -28.52 15.35 -9.50
N PRO A 178 -28.38 16.65 -9.86
CA PRO A 178 -27.61 17.58 -9.02
C PRO A 178 -27.93 17.53 -7.53
N SER A 179 -29.24 17.42 -7.17
CA SER A 179 -29.72 17.35 -5.78
C SER A 179 -29.01 16.25 -4.94
N GLU A 180 -28.52 15.17 -5.59
CA GLU A 180 -27.82 14.10 -4.88
C GLU A 180 -26.28 14.22 -4.90
N VAL A 181 -25.77 15.45 -5.09
CA VAL A 181 -24.34 15.71 -5.17
C VAL A 181 -23.84 16.88 -4.30
N VAL A 182 -22.67 16.66 -3.69
CA VAL A 182 -21.94 17.64 -2.89
C VAL A 182 -20.72 18.08 -3.69
N PHE A 183 -20.51 19.37 -3.72
CA PHE A 183 -19.44 19.95 -4.50
C PHE A 183 -18.58 20.81 -3.60
N LEU A 184 -17.28 20.50 -3.56
CA LEU A 184 -16.33 21.22 -2.74
C LEU A 184 -15.31 21.90 -3.59
N ASP A 185 -15.25 23.22 -3.46
CA ASP A 185 -14.30 24.04 -4.20
C ASP A 185 -13.87 25.19 -3.30
N ASP A 186 -12.63 25.64 -3.47
CA ASP A 186 -12.10 26.76 -2.71
C ASP A 186 -12.37 28.08 -3.45
N ILE A 187 -12.98 27.99 -4.65
CA ILE A 187 -13.30 29.14 -5.50
C ILE A 187 -14.81 29.31 -5.62
N GLY A 188 -15.28 30.49 -5.20
CA GLY A 188 -16.69 30.88 -5.26
C GLY A 188 -17.26 30.84 -6.67
N ALA A 189 -16.50 31.37 -7.68
CA ALA A 189 -16.85 31.40 -9.11
C ALA A 189 -17.05 30.01 -9.68
N ASN A 190 -16.12 29.07 -9.40
CA ASN A 190 -16.21 27.68 -9.86
C ASN A 190 -17.32 26.93 -9.13
N LEU A 191 -17.75 27.48 -7.99
CA LEU A 191 -18.79 26.94 -7.13
C LEU A 191 -20.22 27.28 -7.52
N LYS A 192 -20.50 28.54 -7.93
CA LYS A 192 -21.85 28.99 -8.34
C LYS A 192 -22.54 28.15 -9.42
N PRO A 193 -21.91 27.86 -10.61
CA PRO A 193 -22.60 27.03 -11.62
C PRO A 193 -23.23 25.76 -11.07
N ALA A 194 -22.51 25.05 -10.15
CA ALA A 194 -22.95 23.81 -9.50
C ALA A 194 -24.15 24.06 -8.59
N ARG A 195 -24.10 25.16 -7.81
CA ARG A 195 -25.13 25.61 -6.89
C ARG A 195 -26.43 25.92 -7.62
N ASP A 196 -26.39 26.85 -8.60
CA ASP A 196 -27.57 27.24 -9.38
C ASP A 196 -28.10 26.16 -10.36
N LEU A 197 -27.55 24.95 -10.23
CA LEU A 197 -27.93 23.75 -10.94
C LEU A 197 -28.59 22.85 -9.90
N GLY A 198 -28.51 23.30 -8.64
CA GLY A 198 -29.14 22.61 -7.51
C GLY A 198 -28.28 21.64 -6.71
N MET A 199 -26.96 21.53 -7.01
CA MET A 199 -26.08 20.63 -6.24
C MET A 199 -25.76 21.31 -4.92
N VAL A 200 -25.44 20.51 -3.90
CA VAL A 200 -25.04 21.03 -2.59
C VAL A 200 -23.60 21.48 -2.77
N THR A 201 -23.25 22.61 -2.18
CA THR A 201 -21.92 23.20 -2.32
C THR A 201 -21.28 23.53 -1.00
N ILE A 202 -19.95 23.40 -0.96
CA ILE A 202 -19.13 23.77 0.18
C ILE A 202 -18.05 24.68 -0.32
N LEU A 203 -17.97 25.85 0.30
CA LEU A 203 -16.87 26.74 0.02
C LEU A 203 -15.81 26.28 1.00
N VAL A 204 -14.64 25.93 0.46
CA VAL A 204 -13.56 25.42 1.28
C VAL A 204 -12.58 26.54 1.55
N GLN A 205 -12.40 26.86 2.82
CA GLN A 205 -11.44 27.86 3.24
C GLN A 205 -10.48 27.10 4.10
N ASP A 206 -10.96 26.62 5.23
CA ASP A 206 -10.16 25.79 6.08
C ASP A 206 -10.87 24.44 6.15
N THR A 207 -10.05 23.39 6.23
CA THR A 207 -10.46 22.00 6.21
C THR A 207 -11.41 21.60 7.32
N ASP A 208 -11.11 21.89 8.60
CA ASP A 208 -12.00 21.56 9.71
C ASP A 208 -13.37 22.16 9.49
N THR A 209 -13.45 23.48 9.23
CA THR A 209 -14.70 24.18 8.95
C THR A 209 -15.38 23.62 7.73
N ALA A 210 -14.62 23.30 6.64
CA ALA A 210 -15.21 22.67 5.43
C ALA A 210 -15.73 21.26 5.72
N LEU A 211 -14.97 20.49 6.55
CA LEU A 211 -15.33 19.13 6.97
C LEU A 211 -16.53 19.13 7.87
N LYS A 212 -16.70 20.21 8.67
CA LYS A 212 -17.83 20.43 9.56
C LYS A 212 -19.09 20.53 8.74
N GLU A 213 -19.02 21.29 7.62
CA GLU A 213 -20.11 21.47 6.69
C GLU A 213 -20.50 20.19 6.00
N LEU A 214 -19.50 19.39 5.58
CA LEU A 214 -19.68 18.12 4.89
C LEU A 214 -20.33 17.06 5.78
N GLU A 215 -19.90 17.01 7.06
CA GLU A 215 -20.39 16.11 8.10
C GLU A 215 -21.87 16.35 8.32
N LYS A 216 -22.24 17.64 8.45
CA LYS A 216 -23.60 18.11 8.64
C LYS A 216 -24.48 17.74 7.45
N VAL A 217 -24.00 18.00 6.23
CA VAL A 217 -24.72 17.71 4.99
C VAL A 217 -24.99 16.23 4.71
N THR A 218 -23.97 15.36 4.90
CA THR A 218 -24.07 13.93 4.61
C THR A 218 -24.56 13.09 5.79
N GLY A 219 -24.48 13.66 7.00
CA GLY A 219 -24.88 13.01 8.23
C GLY A 219 -23.94 11.87 8.60
N ILE A 220 -22.64 12.02 8.26
CA ILE A 220 -21.60 11.01 8.52
C ILE A 220 -20.50 11.64 9.35
N GLN A 221 -20.05 10.94 10.42
CA GLN A 221 -18.93 11.36 11.25
C GLN A 221 -17.65 11.36 10.39
N LEU A 222 -17.16 12.56 10.04
CA LEU A 222 -15.98 12.79 9.21
C LEU A 222 -14.85 13.33 10.03
N LEU A 223 -15.19 14.11 11.05
CA LEU A 223 -14.22 14.73 11.92
C LEU A 223 -13.95 13.96 13.17
N ASN A 224 -12.68 14.03 13.63
CA ASN A 224 -12.19 13.41 14.86
C ASN A 224 -12.51 11.94 14.93
N THR A 225 -12.66 11.31 13.75
CA THR A 225 -12.94 9.89 13.65
C THR A 225 -11.66 9.15 14.00
N PRO A 226 -11.75 7.91 14.52
CA PRO A 226 -10.51 7.18 14.83
C PRO A 226 -9.63 6.96 13.59
N ALA A 227 -8.37 6.62 13.84
CA ALA A 227 -7.40 6.38 12.77
C ALA A 227 -7.79 5.19 11.89
N PRO A 228 -7.80 5.39 10.56
CA PRO A 228 -8.22 4.31 9.65
C PRO A 228 -7.10 3.33 9.36
N LEU A 229 -7.51 2.19 8.79
CA LEU A 229 -6.58 1.14 8.36
C LEU A 229 -5.86 1.57 7.08
N PRO A 230 -4.61 1.09 6.86
CA PRO A 230 -3.91 1.40 5.59
C PRO A 230 -4.72 0.87 4.40
N THR A 231 -4.37 1.31 3.20
CA THR A 231 -5.02 0.85 1.97
C THR A 231 -4.78 -0.65 1.77
N SER A 232 -5.85 -1.38 1.43
CA SER A 232 -5.73 -2.80 1.18
C SER A 232 -5.63 -3.04 -0.33
N CYS A 233 -5.66 -4.31 -0.74
CA CYS A 233 -5.57 -4.70 -2.13
C CYS A 233 -6.85 -5.35 -2.58
N ASN A 234 -7.26 -5.00 -3.78
CA ASN A 234 -8.37 -5.67 -4.41
C ASN A 234 -7.70 -6.56 -5.47
N PRO A 235 -7.71 -7.91 -5.27
CA PRO A 235 -7.03 -8.83 -6.19
C PRO A 235 -7.24 -8.62 -7.69
N SER A 236 -8.46 -8.22 -8.11
CA SER A 236 -8.84 -7.99 -9.51
C SER A 236 -8.11 -6.79 -10.13
N ASP A 237 -7.65 -5.84 -9.28
CA ASP A 237 -6.95 -4.63 -9.68
C ASP A 237 -5.42 -4.73 -9.64
N MET A 238 -4.90 -5.94 -9.39
CA MET A 238 -3.45 -6.13 -9.27
C MET A 238 -2.85 -6.68 -10.55
N SER A 239 -1.54 -6.47 -10.70
CA SER A 239 -0.74 -7.04 -11.76
C SER A 239 -0.30 -8.38 -11.20
N HIS A 240 -0.60 -9.46 -11.93
CA HIS A 240 -0.27 -10.81 -11.54
C HIS A 240 0.87 -11.33 -12.41
N GLY A 241 1.95 -11.74 -11.75
CA GLY A 241 3.15 -12.24 -12.41
C GLY A 241 3.32 -13.73 -12.27
N TYR A 242 3.84 -14.38 -13.33
CA TYR A 242 4.00 -15.83 -13.37
C TYR A 242 5.34 -16.21 -13.95
N VAL A 243 6.12 -16.98 -13.18
CA VAL A 243 7.46 -17.44 -13.57
C VAL A 243 7.58 -18.97 -13.38
N THR A 244 8.03 -19.66 -14.43
CA THR A 244 8.32 -21.09 -14.36
C THR A 244 9.78 -21.20 -13.93
N VAL A 245 10.00 -21.73 -12.72
CA VAL A 245 11.34 -21.87 -12.14
C VAL A 245 12.02 -23.18 -12.52
N LYS A 246 11.18 -24.12 -12.96
CA LYS A 246 11.55 -25.47 -13.38
C LYS A 246 10.30 -26.11 -13.93
N PRO A 247 10.44 -27.08 -14.87
CA PRO A 247 9.25 -27.74 -15.44
C PRO A 247 8.34 -28.19 -14.31
N ARG A 248 7.04 -27.89 -14.43
CA ARG A 248 6.01 -28.25 -13.44
C ARG A 248 5.96 -27.39 -12.16
N VAL A 249 6.88 -26.40 -12.03
CA VAL A 249 6.86 -25.49 -10.87
C VAL A 249 6.85 -24.05 -11.35
N ARG A 250 5.70 -23.42 -11.22
CA ARG A 250 5.59 -22.02 -11.54
C ARG A 250 5.24 -21.26 -10.25
N LEU A 251 5.79 -20.05 -10.13
CA LEU A 251 5.62 -19.15 -8.99
C LEU A 251 4.81 -17.93 -9.38
N HIS A 252 3.77 -17.65 -8.60
CA HIS A 252 2.90 -16.49 -8.82
C HIS A 252 3.21 -15.40 -7.81
N PHE A 253 3.11 -14.15 -8.26
CA PHE A 253 3.34 -12.98 -7.43
C PHE A 253 2.44 -11.84 -7.86
N VAL A 254 2.32 -10.86 -6.97
CA VAL A 254 1.55 -9.64 -7.20
C VAL A 254 2.58 -8.52 -7.24
N GLU A 255 2.48 -7.68 -8.26
CA GLU A 255 3.47 -6.63 -8.43
C GLU A 255 2.91 -5.23 -8.44
N LEU A 256 3.50 -4.37 -7.61
CA LEU A 256 3.07 -2.99 -7.49
C LEU A 256 4.23 -2.07 -7.15
N GLY A 257 4.26 -0.94 -7.85
CA GLY A 257 5.22 0.11 -7.62
C GLY A 257 6.51 0.00 -8.42
N SER A 258 7.29 1.08 -8.36
CA SER A 258 8.59 1.20 -9.01
C SER A 258 9.66 1.46 -7.95
N GLY A 259 10.86 0.99 -8.24
CA GLY A 259 12.01 1.18 -7.37
C GLY A 259 12.72 -0.11 -7.00
N PRO A 260 13.52 -0.10 -5.89
CA PRO A 260 14.23 -1.33 -5.47
C PRO A 260 13.24 -2.43 -5.13
N ALA A 261 13.52 -3.65 -5.62
CA ALA A 261 12.69 -4.84 -5.43
C ALA A 261 12.64 -5.31 -3.98
N VAL A 262 11.40 -5.46 -3.49
CA VAL A 262 11.10 -5.95 -2.13
C VAL A 262 10.23 -7.21 -2.29
N CYS A 263 10.81 -8.36 -1.94
CA CYS A 263 10.16 -9.65 -2.03
C CYS A 263 9.49 -10.05 -0.73
N LEU A 264 8.16 -10.23 -0.76
CA LEU A 264 7.36 -10.58 0.42
C LEU A 264 7.01 -12.05 0.49
N CYS A 265 7.46 -12.70 1.56
CA CYS A 265 7.31 -14.13 1.74
C CYS A 265 6.42 -14.47 2.96
N HIS A 266 5.19 -14.91 2.65
CA HIS A 266 4.19 -15.23 3.66
C HIS A 266 4.44 -16.54 4.38
N GLY A 267 3.72 -16.72 5.48
CA GLY A 267 3.84 -17.93 6.27
C GLY A 267 2.70 -18.90 6.04
N PHE A 268 2.52 -19.80 7.02
CA PHE A 268 1.54 -20.86 7.00
C PHE A 268 0.28 -20.61 7.79
N PRO A 269 -0.91 -20.86 7.20
CA PRO A 269 -1.21 -21.24 5.81
C PRO A 269 -1.75 -19.98 5.11
N GLU A 270 -0.84 -19.21 4.47
CA GLU A 270 -1.27 -17.91 3.98
C GLU A 270 -1.35 -17.67 2.48
N SER A 271 -1.20 -16.41 2.10
CA SER A 271 -1.37 -15.93 0.74
C SER A 271 -0.45 -14.74 0.49
N TRP A 272 -0.34 -14.28 -0.77
CA TRP A 272 0.34 -13.03 -1.09
C TRP A 272 -0.53 -11.94 -0.42
N TYR A 273 -1.86 -12.25 -0.31
CA TYR A 273 -2.95 -11.46 0.27
C TYR A 273 -2.76 -11.18 1.76
N SER A 274 -1.83 -11.88 2.42
CA SER A 274 -1.48 -11.63 3.82
C SER A 274 -0.77 -10.29 3.96
N TRP A 275 -0.15 -9.83 2.86
CA TRP A 275 0.56 -8.57 2.75
C TRP A 275 -0.33 -7.45 2.14
N ARG A 276 -1.66 -7.65 2.04
CA ARG A 276 -2.59 -6.65 1.48
C ARG A 276 -2.43 -5.21 1.96
N TYR A 277 -2.10 -5.02 3.25
CA TYR A 277 -1.95 -3.69 3.84
C TYR A 277 -0.58 -3.10 3.57
N GLN A 278 0.41 -3.99 3.29
CA GLN A 278 1.80 -3.63 3.06
C GLN A 278 2.08 -3.21 1.63
N ILE A 279 1.52 -3.94 0.65
CA ILE A 279 1.71 -3.69 -0.78
C ILE A 279 1.54 -2.20 -1.17
N PRO A 280 0.35 -1.55 -0.99
CA PRO A 280 0.21 -0.14 -1.39
C PRO A 280 1.15 0.82 -0.68
N ALA A 281 1.35 0.64 0.65
CA ALA A 281 2.22 1.49 1.48
C ALA A 281 3.68 1.48 1.09
N LEU A 282 4.28 0.29 0.85
CA LEU A 282 5.69 0.16 0.46
C LEU A 282 5.92 0.67 -0.95
N ALA A 283 4.95 0.41 -1.88
CA ALA A 283 4.98 0.89 -3.26
C ALA A 283 4.97 2.41 -3.26
N GLN A 284 4.08 3.00 -2.42
CA GLN A 284 3.96 4.45 -2.21
C GLN A 284 5.23 5.02 -1.58
N ALA A 285 5.93 4.21 -0.75
CA ALA A 285 7.20 4.57 -0.10
C ALA A 285 8.44 4.58 -1.05
N GLY A 286 8.24 4.24 -2.33
CA GLY A 286 9.26 4.25 -3.37
C GLY A 286 9.91 2.89 -3.64
N TYR A 287 9.10 1.82 -3.48
CA TYR A 287 9.57 0.44 -3.66
C TYR A 287 8.74 -0.37 -4.63
N ARG A 288 9.43 -1.33 -5.27
CA ARG A 288 8.82 -2.27 -6.20
C ARG A 288 8.53 -3.53 -5.42
N VAL A 289 7.25 -3.69 -5.09
CA VAL A 289 6.80 -4.82 -4.28
C VAL A 289 6.45 -6.03 -5.11
N LEU A 290 6.99 -7.17 -4.69
CA LEU A 290 6.67 -8.46 -5.27
C LEU A 290 6.22 -9.32 -4.10
N ALA A 291 4.90 -9.53 -3.98
CA ALA A 291 4.30 -10.32 -2.92
C ALA A 291 4.01 -11.71 -3.47
N MET A 292 4.72 -12.70 -2.95
CA MET A 292 4.66 -14.06 -3.45
C MET A 292 3.51 -14.88 -2.95
N ASP A 293 3.19 -15.91 -3.73
CA ASP A 293 2.36 -17.04 -3.36
C ASP A 293 3.50 -18.05 -3.26
N MET A 294 3.87 -18.43 -2.04
CA MET A 294 4.98 -19.34 -1.83
C MET A 294 4.59 -20.70 -2.39
N LYS A 295 5.59 -21.54 -2.69
CA LYS A 295 5.35 -22.87 -3.20
C LYS A 295 4.32 -23.63 -2.35
N GLY A 296 3.31 -24.16 -3.03
CA GLY A 296 2.24 -24.93 -2.39
C GLY A 296 0.95 -24.16 -2.18
N TYR A 297 1.00 -22.82 -2.37
CA TYR A 297 -0.12 -21.90 -2.12
C TYR A 297 -0.62 -21.20 -3.38
N GLY A 298 -1.92 -20.88 -3.35
CA GLY A 298 -2.70 -20.17 -4.36
C GLY A 298 -2.44 -20.56 -5.78
N GLU A 299 -1.95 -19.59 -6.57
CA GLU A 299 -1.63 -19.77 -7.99
C GLU A 299 -0.24 -20.30 -8.25
N SER A 300 0.52 -20.58 -7.21
CA SER A 300 1.83 -21.20 -7.37
C SER A 300 1.61 -22.70 -7.43
N SER A 301 2.59 -23.43 -7.97
CA SER A 301 2.49 -24.87 -8.11
C SER A 301 2.58 -25.53 -6.75
N ALA A 302 1.83 -26.63 -6.61
CA ALA A 302 1.82 -27.40 -5.39
C ALA A 302 2.20 -28.88 -5.67
N PRO A 303 3.50 -29.18 -5.97
CA PRO A 303 3.89 -30.59 -6.18
C PRO A 303 3.56 -31.42 -4.95
N PRO A 304 3.11 -32.68 -5.16
CA PRO A 304 2.75 -33.54 -4.02
C PRO A 304 3.91 -33.90 -3.10
N GLU A 305 5.11 -34.14 -3.68
CA GLU A 305 6.32 -34.61 -3.00
C GLU A 305 6.81 -33.73 -1.87
N ILE A 306 7.11 -34.36 -0.71
CA ILE A 306 7.57 -33.69 0.51
C ILE A 306 8.87 -32.92 0.31
N GLU A 307 9.88 -33.59 -0.29
CA GLU A 307 11.25 -33.11 -0.56
C GLU A 307 11.30 -31.79 -1.32
N GLU A 308 10.26 -31.51 -2.13
CA GLU A 308 10.12 -30.27 -2.89
C GLU A 308 9.97 -29.04 -2.00
N TYR A 309 9.69 -29.25 -0.70
CA TYR A 309 9.43 -28.22 0.28
C TYR A 309 10.53 -28.01 1.32
N CYS A 310 11.71 -28.59 1.07
CA CYS A 310 12.82 -28.33 1.97
C CYS A 310 13.41 -26.99 1.60
N MET A 311 13.99 -26.30 2.57
CA MET A 311 14.53 -24.96 2.43
C MET A 311 15.56 -24.78 1.34
N GLU A 312 16.39 -25.80 1.12
CA GLU A 312 17.38 -25.79 0.08
C GLU A 312 16.75 -25.69 -1.31
N VAL A 313 15.66 -26.45 -1.55
CA VAL A 313 14.93 -26.45 -2.82
C VAL A 313 14.13 -25.16 -2.97
N LEU A 314 13.48 -24.71 -1.89
CA LEU A 314 12.67 -23.49 -1.87
C LEU A 314 13.51 -22.23 -2.10
N CYS A 315 14.69 -22.14 -1.45
CA CYS A 315 15.62 -21.02 -1.58
C CYS A 315 16.18 -20.98 -2.99
N LYS A 316 16.48 -22.16 -3.57
CA LYS A 316 16.99 -22.31 -4.94
C LYS A 316 16.05 -21.77 -5.98
N GLU A 317 14.75 -22.07 -5.83
CA GLU A 317 13.71 -21.61 -6.74
C GLU A 317 13.52 -20.11 -6.67
N MET A 318 13.70 -19.50 -5.46
CA MET A 318 13.58 -18.06 -5.24
C MET A 318 14.68 -17.31 -5.96
N VAL A 319 15.88 -17.90 -6.01
CA VAL A 319 17.07 -17.38 -6.69
C VAL A 319 16.81 -17.47 -8.20
N THR A 320 16.24 -18.61 -8.68
CA THR A 320 15.87 -18.83 -10.09
C THR A 320 14.81 -17.79 -10.51
N PHE A 321 13.87 -17.51 -9.58
CA PHE A 321 12.80 -16.53 -9.76
C PHE A 321 13.39 -15.14 -10.04
N LEU A 322 14.46 -14.79 -9.31
CA LEU A 322 15.21 -13.54 -9.46
C LEU A 322 15.96 -13.54 -10.78
N ASP A 323 16.64 -14.67 -11.08
CA ASP A 323 17.38 -14.90 -12.31
C ASP A 323 16.50 -14.64 -13.53
N LYS A 324 15.30 -15.24 -13.55
CA LYS A 324 14.34 -15.15 -14.66
C LYS A 324 13.68 -13.80 -14.75
N LEU A 325 13.51 -13.10 -13.62
CA LEU A 325 12.95 -11.75 -13.60
C LEU A 325 14.00 -10.69 -13.98
N GLY A 326 15.27 -11.10 -14.04
CA GLY A 326 16.41 -10.25 -14.36
C GLY A 326 16.82 -9.37 -13.20
N LEU A 327 16.69 -9.90 -11.96
CA LEU A 327 17.01 -9.14 -10.76
C LEU A 327 18.25 -9.66 -10.11
N SER A 328 19.25 -8.80 -9.93
CA SER A 328 20.49 -9.22 -9.29
C SER A 328 20.25 -9.37 -7.78
N GLN A 329 19.36 -8.51 -7.23
CA GLN A 329 19.02 -8.51 -5.81
C GLN A 329 17.56 -8.15 -5.54
N ALA A 330 17.12 -8.50 -4.33
CA ALA A 330 15.82 -8.14 -3.82
C ALA A 330 15.93 -8.09 -2.32
N VAL A 331 15.16 -7.19 -1.70
CA VAL A 331 15.08 -7.10 -0.26
C VAL A 331 14.08 -8.20 0.08
N PHE A 332 14.51 -9.15 0.90
CA PHE A 332 13.68 -10.27 1.27
C PHE A 332 12.99 -10.06 2.61
N ILE A 333 11.65 -10.04 2.58
CA ILE A 333 10.86 -9.85 3.79
C ILE A 333 9.92 -11.02 3.98
N GLY A 334 10.09 -11.70 5.11
CA GLY A 334 9.30 -12.86 5.44
C GLY A 334 8.63 -12.81 6.79
N HIS A 335 7.49 -13.50 6.88
CA HIS A 335 6.69 -13.68 8.09
C HIS A 335 6.52 -15.18 8.23
N ASP A 336 6.62 -15.69 9.48
CA ASP A 336 6.41 -17.09 9.81
C ASP A 336 7.38 -17.99 9.02
N TRP A 337 6.87 -18.94 8.20
CA TRP A 337 7.70 -19.80 7.36
C TRP A 337 8.46 -19.03 6.29
N GLY A 338 7.92 -17.88 5.89
CA GLY A 338 8.57 -16.95 4.97
C GLY A 338 9.79 -16.32 5.62
N GLY A 339 9.70 -16.07 6.94
CA GLY A 339 10.76 -15.51 7.77
C GLY A 339 11.93 -16.48 7.88
N MET A 340 11.62 -17.79 8.02
CA MET A 340 12.57 -18.91 8.06
C MET A 340 13.34 -18.97 6.74
N LEU A 341 12.62 -18.96 5.59
CA LEU A 341 13.19 -18.97 4.23
C LEU A 341 14.13 -17.80 4.01
N VAL A 342 13.68 -16.63 4.44
CA VAL A 342 14.38 -15.38 4.29
C VAL A 342 15.71 -15.32 5.06
N TRP A 343 15.77 -15.95 6.26
CA TRP A 343 17.02 -16.04 7.03
C TRP A 343 18.02 -16.93 6.30
N TYR A 344 17.51 -17.98 5.62
CA TYR A 344 18.28 -18.93 4.84
C TYR A 344 18.79 -18.33 3.55
N MET A 345 17.99 -17.42 2.95
CA MET A 345 18.37 -16.71 1.72
C MET A 345 19.60 -15.88 2.06
N ALA A 346 19.62 -15.22 3.24
CA ALA A 346 20.74 -14.40 3.70
C ALA A 346 21.99 -15.22 4.01
N LEU A 347 21.85 -16.38 4.71
CA LEU A 347 22.93 -17.30 5.08
C LEU A 347 23.59 -17.94 3.87
N PHE A 348 22.78 -18.33 2.87
CA PHE A 348 23.21 -19.05 1.66
C PHE A 348 23.39 -18.24 0.38
N TYR A 349 22.69 -17.10 0.23
CA TYR A 349 22.79 -16.27 -0.97
C TYR A 349 22.85 -14.77 -0.60
N PRO A 350 23.87 -14.26 0.14
CA PRO A 350 23.88 -12.81 0.48
C PRO A 350 23.99 -11.90 -0.75
N GLU A 351 24.57 -12.41 -1.84
CA GLU A 351 24.76 -11.74 -3.13
C GLU A 351 23.44 -11.27 -3.73
N ARG A 352 22.36 -12.08 -3.56
CA ARG A 352 21.03 -11.87 -4.13
C ARG A 352 20.08 -11.13 -3.21
N VAL A 353 20.52 -10.91 -1.96
CA VAL A 353 19.71 -10.27 -0.93
C VAL A 353 20.27 -8.89 -0.58
N ARG A 354 19.50 -7.83 -0.88
CA ARG A 354 19.87 -6.45 -0.60
C ARG A 354 19.83 -6.25 0.91
N ALA A 355 18.79 -6.83 1.53
CA ALA A 355 18.52 -6.75 2.96
C ALA A 355 17.52 -7.84 3.31
N VAL A 356 17.51 -8.23 4.57
CA VAL A 356 16.61 -9.27 5.05
C VAL A 356 15.79 -8.76 6.21
N ALA A 357 14.48 -9.07 6.21
CA ALA A 357 13.60 -8.67 7.29
C ALA A 357 12.69 -9.82 7.67
N SER A 358 12.60 -10.09 8.97
CA SER A 358 11.72 -11.14 9.47
C SER A 358 10.71 -10.61 10.46
N LEU A 359 9.47 -11.04 10.30
CA LEU A 359 8.38 -10.72 11.20
C LEU A 359 8.11 -11.99 11.99
N ASN A 360 8.22 -11.87 13.33
CA ASN A 360 7.95 -12.91 14.34
C ASN A 360 8.97 -14.05 14.36
N THR A 361 9.38 -14.53 13.18
CA THR A 361 10.31 -15.65 13.04
C THR A 361 11.72 -15.31 13.46
N PRO A 362 12.26 -16.04 14.45
CA PRO A 362 13.63 -15.78 14.86
C PRO A 362 14.61 -16.64 14.07
N PHE A 363 15.85 -16.15 14.04
CA PHE A 363 16.92 -16.88 13.45
C PHE A 363 17.64 -17.63 14.57
N ILE A 364 17.59 -18.97 14.54
CA ILE A 364 18.23 -19.82 15.54
C ILE A 364 19.20 -20.78 14.86
N PRO A 365 20.52 -20.74 15.19
CA PRO A 365 21.45 -21.70 14.59
C PRO A 365 21.12 -23.12 15.03
N ALA A 366 21.23 -24.03 14.05
CA ALA A 366 20.94 -25.45 14.22
C ALA A 366 21.89 -26.09 15.19
N ASN A 367 21.37 -27.10 15.89
CA ASN A 367 22.21 -27.85 16.81
C ASN A 367 22.82 -29.05 16.06
N PRO A 368 24.16 -29.08 15.96
CA PRO A 368 24.83 -30.21 15.29
C PRO A 368 24.77 -31.54 16.07
N ASN A 369 24.59 -31.48 17.40
CA ASN A 369 24.56 -32.62 18.30
C ASN A 369 23.17 -33.18 18.57
N MET A 370 22.14 -32.51 18.05
CA MET A 370 20.76 -32.94 18.24
C MET A 370 19.93 -32.75 16.98
N SER A 371 19.18 -33.78 16.61
CA SER A 371 18.27 -33.70 15.47
C SER A 371 16.96 -33.07 16.02
N PRO A 372 16.31 -32.12 15.31
CA PRO A 372 15.05 -31.52 15.82
C PRO A 372 13.93 -32.54 16.00
N LEU A 373 13.95 -33.62 15.19
CA LEU A 373 12.99 -34.71 15.27
C LEU A 373 13.14 -35.52 16.55
N GLU A 374 14.28 -35.36 17.27
CA GLU A 374 14.50 -35.97 18.58
C GLU A 374 13.36 -35.54 19.52
N SER A 375 12.98 -34.23 19.48
CA SER A 375 11.89 -33.65 20.27
C SER A 375 10.52 -34.17 19.77
N VAL A 381 4.43 -28.67 25.08
CA VAL A 381 4.40 -29.61 23.97
C VAL A 381 3.98 -28.88 22.69
N PHE A 382 4.95 -28.33 21.91
CA PHE A 382 4.55 -27.74 20.62
C PHE A 382 4.26 -28.92 19.72
N ASP A 383 3.20 -29.59 20.10
CA ASP A 383 2.66 -30.81 19.59
C ASP A 383 2.30 -30.74 18.14
N TYR A 384 1.71 -29.60 17.71
CA TYR A 384 1.27 -29.35 16.35
C TYR A 384 2.27 -29.83 15.26
N GLN A 385 3.60 -29.66 15.45
CA GLN A 385 4.62 -30.10 14.46
C GLN A 385 4.51 -31.60 14.25
N LEU A 386 4.37 -32.35 15.37
CA LEU A 386 4.21 -33.81 15.41
C LEU A 386 2.91 -34.24 14.72
N TYR A 387 1.84 -33.47 14.93
CA TYR A 387 0.54 -33.68 14.33
C TYR A 387 0.62 -33.50 12.80
N PHE A 388 1.48 -32.57 12.36
CA PHE A 388 1.66 -32.22 10.95
C PHE A 388 2.47 -33.21 10.14
N GLN A 389 3.29 -34.05 10.81
CA GLN A 389 4.18 -35.01 10.15
C GLN A 389 3.47 -36.04 9.31
N GLU A 390 2.35 -36.55 9.83
CA GLU A 390 1.58 -37.59 9.16
C GLU A 390 0.82 -37.13 7.91
N PRO A 391 1.22 -37.61 6.70
CA PRO A 391 0.55 -37.16 5.47
C PRO A 391 -0.90 -37.61 5.40
N GLY A 392 -1.77 -36.65 5.09
CA GLY A 392 -3.20 -36.88 4.92
C GLY A 392 -4.03 -36.56 6.14
N VAL A 393 -3.46 -36.76 7.34
CA VAL A 393 -4.13 -36.53 8.63
C VAL A 393 -4.52 -35.07 8.82
N ALA A 394 -3.52 -34.16 8.88
CA ALA A 394 -3.74 -32.73 9.05
C ALA A 394 -4.46 -32.14 7.84
N GLU A 395 -4.15 -32.65 6.61
CA GLU A 395 -4.79 -32.24 5.35
C GLU A 395 -6.29 -32.38 5.47
N ALA A 396 -6.78 -33.61 5.80
CA ALA A 396 -8.19 -33.96 5.93
C ALA A 396 -8.95 -33.08 6.89
N GLU A 397 -8.34 -32.75 8.04
CA GLU A 397 -8.92 -31.90 9.06
C GLU A 397 -9.02 -30.45 8.61
N LEU A 398 -7.93 -29.90 8.08
CA LEU A 398 -7.85 -28.53 7.60
C LEU A 398 -8.68 -28.28 6.36
N GLU A 399 -8.78 -29.29 5.47
CA GLU A 399 -9.58 -29.20 4.23
C GLU A 399 -11.07 -29.49 4.43
N GLN A 400 -11.45 -30.03 5.61
CA GLN A 400 -12.84 -30.41 5.90
C GLN A 400 -13.82 -29.25 5.77
N ASN A 401 -13.55 -28.12 6.43
CA ASN A 401 -14.37 -26.93 6.32
C ASN A 401 -13.42 -25.76 6.32
N LEU A 402 -13.18 -25.22 5.11
CA LEU A 402 -12.23 -24.14 4.89
C LEU A 402 -12.61 -22.86 5.57
N SER A 403 -13.90 -22.47 5.52
CA SER A 403 -14.41 -21.29 6.20
C SER A 403 -14.09 -21.42 7.68
N ARG A 404 -14.37 -22.61 8.28
CA ARG A 404 -14.09 -22.90 9.68
C ARG A 404 -12.58 -22.87 9.98
N THR A 405 -11.74 -23.41 9.07
CA THR A 405 -10.28 -23.41 9.24
C THR A 405 -9.71 -22.01 9.45
N PHE A 406 -10.02 -21.09 8.52
CA PHE A 406 -9.46 -19.74 8.55
C PHE A 406 -9.95 -18.88 9.67
N LYS A 407 -11.25 -18.94 9.98
CA LYS A 407 -11.85 -18.19 11.07
C LYS A 407 -11.28 -18.58 12.42
N SER A 408 -11.00 -19.88 12.60
CA SER A 408 -10.41 -20.46 13.82
C SER A 408 -8.92 -20.12 13.93
N LEU A 409 -8.21 -20.11 12.78
CA LEU A 409 -6.78 -19.79 12.71
C LEU A 409 -6.54 -18.31 12.88
N PHE A 410 -7.18 -17.49 12.00
CA PHE A 410 -7.02 -16.04 11.93
C PHE A 410 -7.69 -15.32 13.05
N ARG A 411 -7.04 -15.33 14.21
CA ARG A 411 -7.59 -14.65 15.35
C ARG A 411 -6.59 -13.77 16.00
N ALA A 412 -7.05 -12.59 16.43
CA ALA A 412 -6.23 -11.64 17.13
C ALA A 412 -6.03 -12.07 18.59
N SER A 413 -5.08 -11.41 19.27
CA SER A 413 -4.66 -11.58 20.65
C SER A 413 -5.82 -11.69 21.67
N ASP A 414 -6.84 -10.81 21.60
CA ASP A 414 -8.00 -10.81 22.52
C ASP A 414 -8.96 -11.91 22.21
N GLU A 415 -9.11 -12.29 20.91
CA GLU A 415 -9.94 -13.43 20.51
C GLU A 415 -9.45 -14.73 21.12
N SER A 416 -10.30 -15.74 21.07
CA SER A 416 -10.00 -17.08 21.57
C SER A 416 -9.16 -17.78 20.50
N VAL A 417 -7.85 -17.54 20.60
CA VAL A 417 -6.76 -17.98 19.73
C VAL A 417 -6.69 -19.43 19.29
N LEU A 418 -6.81 -20.39 20.23
CA LEU A 418 -6.71 -21.84 19.95
C LEU A 418 -5.28 -22.38 20.26
N SER A 419 -5.22 -23.39 21.16
CA SER A 419 -4.02 -24.05 21.65
C SER A 419 -3.21 -24.84 20.61
N MET A 420 -1.89 -24.90 20.85
CA MET A 420 -0.90 -25.62 20.03
C MET A 420 -0.32 -26.76 20.85
N HIS A 421 -0.93 -27.05 21.98
CA HIS A 421 -0.40 -28.10 22.82
C HIS A 421 -1.37 -29.21 22.92
N LYS A 422 -0.85 -30.46 23.12
CA LYS A 422 -1.61 -31.69 23.38
C LYS A 422 -2.66 -31.95 22.27
N VAL A 423 -2.43 -31.36 21.07
CA VAL A 423 -3.27 -31.47 19.86
C VAL A 423 -3.26 -32.92 19.37
N CYS A 424 -2.09 -33.63 19.53
CA CYS A 424 -1.88 -35.05 19.19
C CYS A 424 -2.73 -35.86 20.11
N GLU A 425 -2.72 -35.52 21.41
CA GLU A 425 -3.53 -36.18 22.41
C GLU A 425 -5.02 -35.94 22.15
N ALA A 426 -5.37 -34.68 21.78
CA ALA A 426 -6.74 -34.27 21.43
C ALA A 426 -7.17 -34.94 20.14
N GLY A 427 -6.21 -35.18 19.24
CA GLY A 427 -6.40 -35.83 17.96
C GLY A 427 -6.71 -34.87 16.82
N GLY A 428 -6.65 -33.57 17.11
CA GLY A 428 -6.92 -32.53 16.13
C GLY A 428 -6.68 -31.14 16.63
N LEU A 429 -6.56 -30.22 15.67
CA LEU A 429 -6.31 -28.82 15.95
C LEU A 429 -7.57 -28.14 16.40
N PHE A 430 -8.71 -28.55 15.84
CA PHE A 430 -10.00 -27.95 16.08
C PHE A 430 -10.96 -28.83 16.87
N VAL A 431 -10.46 -29.91 17.48
CA VAL A 431 -11.30 -30.84 18.22
C VAL A 431 -12.03 -30.18 19.41
N ASN A 432 -11.47 -29.10 19.96
CA ASN A 432 -12.09 -28.33 21.05
C ASN A 432 -12.80 -27.09 20.45
N SER A 433 -12.76 -26.96 19.13
CA SER A 433 -13.32 -25.75 18.55
C SER A 433 -14.74 -25.79 18.06
N PRO A 434 -15.45 -24.63 18.18
CA PRO A 434 -16.83 -24.56 17.66
C PRO A 434 -16.91 -24.85 16.16
N GLU A 435 -18.06 -25.36 15.73
CA GLU A 435 -18.38 -25.66 14.34
C GLU A 435 -18.44 -24.37 13.56
N GLU A 436 -19.03 -23.34 14.20
CA GLU A 436 -19.22 -22.02 13.67
C GLU A 436 -18.41 -20.98 14.44
N PRO A 437 -17.09 -20.85 14.15
CA PRO A 437 -16.29 -19.81 14.83
C PRO A 437 -16.77 -18.41 14.50
N SER A 438 -16.57 -17.48 15.45
CA SER A 438 -16.91 -16.08 15.27
C SER A 438 -15.90 -15.47 14.30
N LEU A 439 -16.26 -14.33 13.72
CA LEU A 439 -15.42 -13.62 12.78
C LEU A 439 -14.57 -12.56 13.49
N SER A 440 -13.23 -12.68 13.31
CA SER A 440 -12.22 -11.78 13.87
C SER A 440 -12.35 -10.35 13.38
N ARG A 441 -11.90 -9.38 14.22
CA ARG A 441 -11.86 -7.96 13.89
C ARG A 441 -10.86 -7.68 12.75
N MET A 442 -9.88 -8.59 12.56
CA MET A 442 -8.82 -8.54 11.56
C MET A 442 -9.32 -8.73 10.13
N VAL A 443 -10.36 -9.57 9.96
CA VAL A 443 -10.89 -9.95 8.66
C VAL A 443 -12.35 -9.68 8.43
N THR A 444 -12.70 -9.54 7.17
CA THR A 444 -14.10 -9.43 6.79
C THR A 444 -14.44 -10.84 6.36
N GLU A 445 -15.73 -11.12 6.22
CA GLU A 445 -16.21 -12.40 5.72
C GLU A 445 -15.67 -12.59 4.30
N GLU A 446 -15.64 -11.49 3.51
CA GLU A 446 -15.14 -11.43 2.12
C GLU A 446 -13.67 -11.77 2.05
N GLU A 447 -12.86 -11.30 3.01
CA GLU A 447 -11.43 -11.59 3.06
C GLU A 447 -11.18 -13.04 3.41
N ILE A 448 -12.00 -13.61 4.34
CA ILE A 448 -11.91 -15.01 4.72
C ILE A 448 -12.17 -15.90 3.52
N GLN A 449 -13.17 -15.50 2.71
CA GLN A 449 -13.62 -16.21 1.52
C GLN A 449 -12.60 -16.24 0.40
N PHE A 450 -11.67 -15.27 0.40
CA PHE A 450 -10.58 -15.21 -0.58
C PHE A 450 -9.67 -16.39 -0.35
N TYR A 451 -9.27 -16.60 0.92
CA TYR A 451 -8.39 -17.69 1.38
C TYR A 451 -9.02 -19.02 1.06
N VAL A 452 -10.37 -19.10 1.25
CA VAL A 452 -11.16 -20.29 0.97
C VAL A 452 -11.03 -20.68 -0.51
N GLN A 453 -11.16 -19.67 -1.42
CA GLN A 453 -11.04 -19.86 -2.86
C GLN A 453 -9.64 -20.18 -3.31
N GLN A 454 -8.63 -19.63 -2.60
CA GLN A 454 -7.21 -19.88 -2.87
C GLN A 454 -6.85 -21.29 -2.49
N PHE A 455 -7.31 -21.74 -1.31
CA PHE A 455 -7.03 -23.09 -0.81
C PHE A 455 -7.82 -24.22 -1.49
N LYS A 456 -8.77 -23.88 -2.37
CA LYS A 456 -9.54 -24.86 -3.09
C LYS A 456 -8.77 -25.48 -4.22
N LYS A 457 -7.74 -24.78 -4.72
CA LYS A 457 -6.92 -25.27 -5.80
C LYS A 457 -6.01 -26.42 -5.40
N SER A 458 -5.14 -26.20 -4.42
CA SER A 458 -4.14 -27.21 -4.05
C SER A 458 -4.33 -27.92 -2.71
N GLY A 459 -5.16 -27.35 -1.84
CA GLY A 459 -5.42 -27.89 -0.51
C GLY A 459 -4.31 -27.53 0.46
N PHE A 460 -4.10 -28.38 1.48
CA PHE A 460 -3.12 -28.15 2.53
C PHE A 460 -1.89 -29.04 2.49
N ARG A 461 -1.80 -29.91 1.49
CA ARG A 461 -0.67 -30.83 1.34
C ARG A 461 0.70 -30.17 1.18
N GLY A 462 0.87 -29.37 0.12
CA GLY A 462 2.10 -28.63 -0.16
C GLY A 462 2.50 -27.75 1.01
N PRO A 463 1.57 -26.90 1.53
CA PRO A 463 1.85 -26.09 2.75
C PRO A 463 2.31 -26.93 3.95
N LEU A 464 1.62 -28.08 4.22
CA LEU A 464 1.97 -28.97 5.35
C LEU A 464 3.30 -29.63 5.16
N ASN A 465 3.73 -29.82 3.89
CA ASN A 465 5.02 -30.39 3.52
C ASN A 465 6.19 -29.52 3.96
N TRP A 466 5.95 -28.19 4.14
CA TRP A 466 6.95 -27.23 4.67
C TRP A 466 7.46 -27.67 6.04
N TYR A 467 6.59 -28.34 6.83
CA TYR A 467 6.84 -28.86 8.18
C TYR A 467 7.47 -30.25 8.20
N ARG A 468 7.48 -30.94 7.06
CA ARG A 468 7.92 -32.34 6.95
C ARG A 468 9.31 -32.53 6.40
N ASN A 469 10.16 -31.52 6.55
CA ASN A 469 11.52 -31.57 6.05
C ASN A 469 12.53 -31.20 7.14
N MET A 470 12.12 -31.36 8.41
CA MET A 470 12.90 -31.05 9.62
C MET A 470 14.35 -31.48 9.60
N GLU A 471 14.58 -32.78 9.36
CA GLU A 471 15.90 -33.40 9.31
C GLU A 471 16.75 -32.91 8.13
N ARG A 472 16.11 -32.70 6.97
CA ARG A 472 16.77 -32.19 5.76
C ARG A 472 17.25 -30.77 5.95
N ASN A 473 16.35 -29.88 6.44
CA ASN A 473 16.62 -28.47 6.72
C ASN A 473 17.69 -28.32 7.77
N TRP A 474 17.72 -29.25 8.73
CA TRP A 474 18.68 -29.29 9.81
C TRP A 474 20.10 -29.57 9.31
N LYS A 475 20.25 -30.54 8.38
CA LYS A 475 21.55 -30.92 7.80
C LYS A 475 22.14 -29.80 6.96
N TRP A 476 21.28 -29.16 6.17
CA TRP A 476 21.62 -28.02 5.32
C TRP A 476 22.05 -26.83 6.16
N ALA A 477 21.31 -26.55 7.26
CA ALA A 477 21.56 -25.46 8.20
C ALA A 477 22.93 -25.62 8.89
N CYS A 478 23.35 -26.86 9.18
CA CYS A 478 24.64 -27.19 9.80
C CYS A 478 25.85 -26.70 9.00
N LYS A 479 25.68 -26.55 7.68
CA LYS A 479 26.69 -26.05 6.74
C LYS A 479 26.97 -24.57 6.93
N SER A 480 25.97 -23.82 7.41
CA SER A 480 26.01 -22.38 7.66
C SER A 480 26.44 -22.08 9.11
N LEU A 481 26.73 -23.12 9.92
CA LEU A 481 27.11 -22.98 11.33
C LEU A 481 28.28 -22.06 11.65
N GLY A 482 29.22 -21.91 10.72
CA GLY A 482 30.38 -21.02 10.88
C GLY A 482 30.19 -19.63 10.29
N ARG A 483 29.04 -19.39 9.62
CA ARG A 483 28.75 -18.12 8.96
C ARG A 483 28.12 -17.08 9.85
N LYS A 484 28.18 -15.83 9.38
CA LYS A 484 27.60 -14.69 10.04
C LYS A 484 26.74 -13.90 9.09
N ILE A 485 25.61 -13.37 9.60
CA ILE A 485 24.76 -12.51 8.80
C ILE A 485 25.30 -11.09 8.98
N LEU A 486 26.00 -10.61 7.94
CA LEU A 486 26.65 -9.31 7.96
C LEU A 486 26.02 -8.32 7.00
N ILE A 487 24.95 -8.76 6.34
CA ILE A 487 24.16 -7.92 5.45
C ILE A 487 23.10 -7.23 6.34
N PRO A 488 22.51 -6.07 5.92
CA PRO A 488 21.49 -5.41 6.77
C PRO A 488 20.30 -6.31 7.07
N ALA A 489 19.99 -6.47 8.37
CA ALA A 489 18.90 -7.30 8.83
C ALA A 489 18.02 -6.66 9.87
N LEU A 490 16.72 -6.95 9.77
CA LEU A 490 15.70 -6.46 10.69
C LEU A 490 14.93 -7.63 11.27
N MET A 491 14.85 -7.64 12.60
CA MET A 491 14.07 -8.64 13.30
C MET A 491 12.89 -7.95 13.98
N VAL A 492 11.66 -8.36 13.60
CA VAL A 492 10.45 -7.78 14.21
C VAL A 492 9.74 -8.82 15.07
N THR A 493 9.52 -8.47 16.34
CA THR A 493 8.86 -9.33 17.32
C THR A 493 7.41 -8.91 17.59
N ALA A 494 6.56 -9.88 17.90
CA ALA A 494 5.14 -9.68 18.22
C ALA A 494 4.91 -10.21 19.64
N GLU A 495 4.52 -9.31 20.55
CA GLU A 495 4.30 -9.58 21.97
C GLU A 495 3.51 -10.85 22.29
N LYS A 496 2.36 -11.03 21.64
CA LYS A 496 1.42 -12.13 21.87
C LYS A 496 1.45 -13.27 20.89
N ASP A 497 2.61 -13.48 20.28
CA ASP A 497 2.79 -14.63 19.43
C ASP A 497 3.28 -15.70 20.39
N PHE A 498 2.48 -16.76 20.56
CA PHE A 498 2.82 -17.80 21.52
C PHE A 498 3.52 -19.00 20.94
N VAL A 499 3.75 -18.97 19.61
CA VAL A 499 4.49 -20.02 18.90
C VAL A 499 5.86 -19.49 18.52
N LEU A 500 5.88 -18.24 18.05
CA LEU A 500 7.09 -17.52 17.67
C LEU A 500 7.24 -16.38 18.66
N VAL A 501 7.61 -16.77 19.89
CA VAL A 501 7.77 -15.87 21.03
C VAL A 501 8.99 -14.94 20.86
N PRO A 502 8.85 -13.61 21.20
CA PRO A 502 10.00 -12.69 21.12
C PRO A 502 11.24 -13.15 21.91
N GLN A 503 11.07 -13.92 23.02
CA GLN A 503 12.16 -14.47 23.85
C GLN A 503 13.12 -15.31 22.99
N MET A 504 12.57 -16.15 22.10
CA MET A 504 13.31 -17.02 21.17
C MET A 504 14.36 -16.31 20.28
N SER A 505 14.17 -14.99 20.02
CA SER A 505 15.02 -14.11 19.20
C SER A 505 16.19 -13.42 19.95
N GLN A 506 16.21 -13.50 21.28
CA GLN A 506 17.18 -12.81 22.15
C GLN A 506 18.69 -12.94 21.90
N HIS A 507 19.14 -14.10 21.41
CA HIS A 507 20.57 -14.35 21.18
C HIS A 507 21.04 -14.06 19.76
N MET A 508 20.14 -13.57 18.90
CA MET A 508 20.41 -13.25 17.50
C MET A 508 21.64 -12.41 17.20
N GLU A 509 21.99 -11.44 18.10
CA GLU A 509 23.19 -10.59 17.95
C GLU A 509 24.48 -11.38 17.95
N ASP A 510 24.50 -12.58 18.57
CA ASP A 510 25.67 -13.46 18.57
C ASP A 510 26.03 -13.82 17.13
N TRP A 511 25.03 -13.89 16.24
CA TRP A 511 25.21 -14.25 14.82
C TRP A 511 24.96 -13.10 13.85
N ILE A 512 24.16 -12.13 14.30
CA ILE A 512 23.80 -10.96 13.49
C ILE A 512 24.16 -9.69 14.31
N PRO A 513 25.47 -9.35 14.41
CA PRO A 513 25.89 -8.20 15.24
C PRO A 513 25.24 -6.84 14.96
N HIS A 514 25.04 -6.49 13.68
CA HIS A 514 24.47 -5.21 13.23
C HIS A 514 22.96 -5.21 13.16
N LEU A 515 22.32 -6.27 13.68
CA LEU A 515 20.87 -6.43 13.70
C LEU A 515 20.12 -5.24 14.29
N LYS A 516 19.15 -4.77 13.49
CA LYS A 516 18.21 -3.73 13.84
C LYS A 516 16.94 -4.43 14.27
N ARG A 517 16.22 -3.84 15.21
CA ARG A 517 15.02 -4.47 15.75
C ARG A 517 13.78 -3.63 15.68
N GLY A 518 12.66 -4.32 15.80
CA GLY A 518 11.31 -3.79 15.83
C GLY A 518 10.48 -4.65 16.77
N HIS A 519 9.54 -4.01 17.47
CA HIS A 519 8.68 -4.71 18.41
C HIS A 519 7.31 -4.11 18.36
N ILE A 520 6.29 -4.97 18.35
CA ILE A 520 4.89 -4.56 18.30
C ILE A 520 4.16 -5.16 19.49
N GLU A 521 3.52 -4.28 20.27
CA GLU A 521 2.77 -4.72 21.43
C GLU A 521 1.34 -5.04 21.11
N ASP A 522 0.77 -5.96 21.92
CA ASP A 522 -0.60 -6.46 21.83
C ASP A 522 -0.88 -7.01 20.43
N CYS A 523 0.16 -7.60 19.82
CA CYS A 523 0.09 -8.18 18.49
C CYS A 523 0.24 -9.67 18.60
N GLY A 524 -0.68 -10.39 17.95
CA GLY A 524 -0.68 -11.84 17.90
C GLY A 524 0.22 -12.35 16.79
N HIS A 525 -0.01 -13.59 16.35
CA HIS A 525 0.79 -14.24 15.31
C HIS A 525 0.63 -13.68 13.90
N TRP A 526 -0.61 -13.34 13.52
CA TRP A 526 -0.97 -12.82 12.20
C TRP A 526 -0.69 -11.35 12.19
N THR A 527 0.60 -11.01 12.35
CA THR A 527 1.17 -9.66 12.46
C THR A 527 0.68 -8.65 11.46
N GLN A 528 0.66 -9.01 10.16
CA GLN A 528 0.31 -8.08 9.08
C GLN A 528 -1.05 -7.49 9.19
N MET A 529 -2.08 -8.30 9.48
CA MET A 529 -3.46 -7.84 9.59
C MET A 529 -3.81 -7.42 11.02
N ASP A 530 -2.98 -7.82 12.00
CA ASP A 530 -3.16 -7.48 13.41
C ASP A 530 -2.88 -6.05 13.61
N LYS A 531 -1.65 -5.65 13.26
CA LYS A 531 -1.15 -4.30 13.41
C LYS A 531 -0.56 -3.80 12.08
N PRO A 532 -1.37 -3.67 10.99
CA PRO A 532 -0.83 -3.20 9.71
C PRO A 532 -0.12 -1.86 9.74
N THR A 533 -0.67 -0.87 10.46
CA THR A 533 -0.09 0.48 10.57
C THR A 533 1.31 0.49 11.20
N GLU A 534 1.51 -0.29 12.28
CA GLU A 534 2.78 -0.38 13.03
C GLU A 534 3.82 -1.06 12.17
N VAL A 535 3.41 -2.19 11.51
CA VAL A 535 4.20 -3.00 10.59
C VAL A 535 4.75 -2.14 9.46
N ASN A 536 3.88 -1.35 8.81
CA ASN A 536 4.23 -0.47 7.71
C ASN A 536 5.20 0.61 8.12
N GLN A 537 4.98 1.18 9.32
CA GLN A 537 5.85 2.21 9.88
C GLN A 537 7.28 1.66 10.10
N ILE A 538 7.40 0.46 10.74
CA ILE A 538 8.67 -0.21 11.03
C ILE A 538 9.44 -0.56 9.75
N LEU A 539 8.77 -1.27 8.83
CA LEU A 539 9.33 -1.71 7.57
C LEU A 539 9.80 -0.58 6.69
N ILE A 540 8.98 0.48 6.51
CA ILE A 540 9.35 1.64 5.68
C ILE A 540 10.55 2.39 6.25
N LYS A 541 10.52 2.63 7.58
CA LYS A 541 11.57 3.31 8.32
C LYS A 541 12.90 2.61 8.09
N TRP A 542 12.91 1.28 8.27
CA TRP A 542 14.06 0.40 8.08
C TRP A 542 14.53 0.36 6.64
N LEU A 543 13.59 0.26 5.66
CA LEU A 543 13.91 0.25 4.23
C LEU A 543 14.60 1.54 3.83
N ASP A 544 14.08 2.69 4.28
CA ASP A 544 14.65 4.01 3.97
C ASP A 544 16.05 4.22 4.50
N SER A 545 16.36 3.65 5.69
CA SER A 545 17.68 3.80 6.29
C SER A 545 18.66 2.74 5.82
N ASP A 546 18.21 1.47 5.70
CA ASP A 546 19.05 0.30 5.32
C ASP A 546 18.93 -0.33 3.99
N ALA A 547 17.87 -0.05 3.27
CA ALA A 547 17.72 -0.70 2.01
C ALA A 547 17.60 0.30 0.88
N ARG A 548 18.16 1.52 1.00
CA ARG A 548 18.15 2.57 -0.04
C ARG A 548 16.86 2.69 -0.88
N ASN A 549 16.29 1.67 -1.31
S SO4 B . -11.28 -5.40 8.82
O1 SO4 B . -11.89 -4.89 7.59
O2 SO4 B . -11.47 -4.43 9.91
O3 SO4 B . -11.91 -6.65 9.19
O4 SO4 B . -9.84 -5.59 8.60
S SO4 C . -1.75 -19.04 16.47
O1 SO4 C . -2.32 -17.71 16.26
O2 SO4 C . -0.79 -19.00 17.58
O3 SO4 C . -2.87 -19.91 16.79
O4 SO4 C . -1.09 -19.51 15.24
S SO4 D . -9.29 6.51 -11.37
O1 SO4 D . -10.39 5.58 -11.73
O2 SO4 D . -9.86 7.67 -10.65
O3 SO4 D . -8.34 5.81 -10.49
O4 SO4 D . -8.60 6.96 -12.60
C1 5DQ E . 2.45 -23.04 13.66
C5 5DQ E . 2.39 -21.39 11.86
C2 5DQ E . 1.10 -23.17 13.80
C4 5DQ E . 0.99 -21.40 11.88
C13 5DQ E . 9.16 -22.73 12.12
C14 5DQ E . 8.92 -21.41 11.56
C6 5DQ E . 3.20 -22.18 12.74
C3 5DQ E . 0.32 -22.31 12.87
C10 5DQ E . 6.59 -22.80 12.56
C12 5DQ E . 7.96 -23.50 12.66
C9 5DQ E . 6.63 -21.53 11.99
C7 5DQ E . 4.57 -22.15 12.60
C22 5DQ E . 10.08 -23.12 17.27
C23 5DQ E . 8.83 -22.42 17.74
C21 5DQ E . 10.12 -23.32 15.79
C24 5DQ E . 7.87 -22.78 16.76
C20 5DQ E . 8.65 -23.26 15.54
C25 5DQ E . -1.15 -22.31 12.88
N15 5DQ E . 7.71 -20.78 11.49
N11 5DQ E . 5.26 -23.07 12.90
N8 5DQ E . 5.36 -21.28 12.08
N19 5DQ E . 8.14 -24.60 14.98
O17 5DQ E . 7.15 -26.04 13.10
O18 5DQ E . 9.58 -25.52 13.27
F26 5DQ E . -1.87 -21.61 13.77
F27 5DQ E . -1.64 -22.29 11.64
F28 5DQ E . -1.55 -23.45 13.27
S16 5DQ E . 8.22 -25.18 13.39
#